data_6Y42
#
_entry.id   6Y42
#
_cell.length_a   197.370
_cell.length_b   197.370
_cell.length_c   73.190
_cell.angle_alpha   90.000
_cell.angle_beta   90.000
_cell.angle_gamma   120.000
#
_symmetry.space_group_name_H-M   'P 61 2 2'
#
loop_
_entity.id
_entity.type
_entity.pdbx_description
1 polymer 'Rrf2 family transcriptional regulator'
2 polymer 'DNA (39-MER)'
3 polymer 'DNA (39-MER)'
4 non-polymer 'FE2/S2 (INORGANIC) CLUSTER'
#
loop_
_entity_poly.entity_id
_entity_poly.type
_entity_poly.pdbx_seq_one_letter_code
_entity_poly.pdbx_strand_id
1 'polypeptide(L)'
;MKLSGGVEWALHCCVVLTAASRPVPAARLAELHDVSPSYLAKQMQALSRAGLVRSVQGKTGGYVLTRPAVEITLLDVVQA
VDGPDPAFVCTEIRQRGPLATPPEKCTKACPIARAMGAAEAAWRASLAATTIADLVATVDDESGPDALPGVGAWLIEGLG
HHHHHH
;
A,B
2 'polydeoxyribonucleotide'
;(DG)(DA)(DG)(DA)(DT)(DA)(DA)(DT)(DA)(DC)(DT)(DC)(DG)(DG)(DA)(DT)(DA)(DG)(DT)(DC)
(DT)(DG)(DT)(DG)(DT)(DC)(DC)(DG)(DA)(DG)(DT)(DC)(DA)(DA)(DA)(DT)(DG)(DG)(DG)
;
E
3 'polydeoxyribonucleotide'
;(DC)(DC)(DC)(DA)(DT)(DT)(DT)(DG)(DA)(DC)(DT)(DC)(DG)(DG)(DA)(DC)(DA)(DC)(DA)(DG)
(DA)(DC)(DT)(DA)(DT)(DC)(DC)(DG)(DA)(DG)(DT)(DA)(DT)(DT)(DA)(DT)(DC)(DT)(DC)
;
F
#
loop_
_chem_comp.id
_chem_comp.type
_chem_comp.name
_chem_comp.formula
DA DNA linking 2'-DEOXYADENOSINE-5'-MONOPHOSPHATE 'C10 H14 N5 O6 P'
DC DNA linking 2'-DEOXYCYTIDINE-5'-MONOPHOSPHATE 'C9 H14 N3 O7 P'
DG DNA linking 2'-DEOXYGUANOSINE-5'-MONOPHOSPHATE 'C10 H14 N5 O7 P'
DT DNA linking THYMIDINE-5'-MONOPHOSPHATE 'C10 H15 N2 O8 P'
FES non-polymer 'FE2/S2 (INORGANIC) CLUSTER' 'Fe2 S2'
#
# COMPACT_ATOMS: atom_id res chain seq x y z
N LYS A 2 5.83 -1.25 -1.21
CA LYS A 2 5.70 -1.34 -2.71
C LYS A 2 4.88 -2.57 -3.09
N LEU A 3 3.99 -2.43 -4.07
CA LEU A 3 3.06 -3.50 -4.51
C LEU A 3 3.42 -3.97 -5.92
N SER A 4 2.94 -5.18 -6.24
CA SER A 4 3.21 -5.91 -7.50
C SER A 4 2.70 -5.09 -8.68
N GLY A 5 3.49 -5.09 -9.77
CA GLY A 5 3.12 -4.45 -11.05
C GLY A 5 2.14 -5.30 -11.85
N GLY A 6 2.28 -6.63 -11.79
CA GLY A 6 1.48 -7.59 -12.59
C GLY A 6 -0.01 -7.43 -12.38
N VAL A 7 -0.43 -6.80 -11.28
CA VAL A 7 -1.87 -6.59 -10.93
C VAL A 7 -2.56 -5.86 -12.08
N GLU A 8 -1.94 -4.80 -12.60
CA GLU A 8 -2.46 -4.04 -13.77
C GLU A 8 -2.74 -5.03 -14.91
N TRP A 9 -1.77 -5.93 -15.18
CA TRP A 9 -1.85 -6.92 -16.29
C TRP A 9 -3.15 -7.70 -16.16
N ALA A 10 -3.42 -8.24 -14.96
CA ALA A 10 -4.65 -9.01 -14.65
C ALA A 10 -5.87 -8.09 -14.80
N LEU A 11 -5.80 -6.86 -14.31
CA LEU A 11 -6.97 -5.94 -14.27
C LEU A 11 -7.32 -5.49 -15.69
N HIS A 12 -6.32 -5.22 -16.53
CA HIS A 12 -6.53 -4.83 -17.95
C HIS A 12 -7.02 -6.04 -18.76
N CYS A 13 -6.92 -7.25 -18.21
CA CYS A 13 -7.51 -8.48 -18.80
C CYS A 13 -8.98 -8.60 -18.38
N CYS A 14 -9.29 -8.26 -17.13
CA CYS A 14 -10.68 -8.24 -16.60
C CYS A 14 -11.54 -7.31 -17.46
N VAL A 15 -11.02 -6.11 -17.73
CA VAL A 15 -11.77 -5.04 -18.47
C VAL A 15 -12.10 -5.54 -19.87
N VAL A 16 -11.12 -6.12 -20.57
CA VAL A 16 -11.30 -6.57 -21.99
C VAL A 16 -12.25 -7.77 -22.02
N LEU A 17 -12.17 -8.67 -21.03
CA LEU A 17 -13.01 -9.89 -20.98
C LEU A 17 -14.48 -9.50 -20.77
N THR A 18 -14.75 -8.33 -20.18
CA THR A 18 -16.13 -7.81 -20.02
C THR A 18 -16.84 -7.82 -21.38
N ALA A 19 -16.12 -7.43 -22.45
CA ALA A 19 -16.66 -7.29 -23.82
C ALA A 19 -16.44 -8.55 -24.66
N ALA A 20 -15.93 -9.63 -24.05
CA ALA A 20 -15.68 -10.92 -24.74
C ALA A 20 -16.77 -11.93 -24.36
N SER A 21 -17.56 -12.35 -25.35
CA SER A 21 -18.70 -13.31 -25.19
C SER A 21 -18.21 -14.76 -25.28
N ARG A 22 -16.99 -15.00 -25.75
CA ARG A 22 -16.44 -16.36 -25.99
C ARG A 22 -15.28 -16.63 -25.04
N PRO A 23 -14.93 -17.92 -24.80
CA PRO A 23 -13.70 -18.28 -24.09
C PRO A 23 -12.43 -17.84 -24.83
N VAL A 24 -11.48 -17.26 -24.10
CA VAL A 24 -10.21 -16.69 -24.63
C VAL A 24 -9.04 -17.36 -23.93
N PRO A 25 -8.08 -17.95 -24.68
CA PRO A 25 -6.85 -18.49 -24.08
C PRO A 25 -5.85 -17.39 -23.70
N ALA A 26 -5.05 -17.67 -22.66
CA ALA A 26 -4.07 -16.73 -22.06
C ALA A 26 -3.18 -16.11 -23.14
N ALA A 27 -2.52 -16.95 -23.94
CA ALA A 27 -1.54 -16.54 -24.99
C ALA A 27 -2.10 -15.39 -25.83
N ARG A 28 -3.39 -15.40 -26.15
CA ARG A 28 -4.03 -14.35 -26.99
C ARG A 28 -3.88 -13.00 -26.29
N LEU A 29 -4.30 -12.91 -25.03
CA LEU A 29 -4.18 -11.68 -24.21
C LEU A 29 -2.71 -11.29 -24.09
N ALA A 30 -1.83 -12.28 -23.91
CA ALA A 30 -0.38 -12.07 -23.77
C ALA A 30 0.12 -11.22 -24.94
N GLU A 31 -0.27 -11.56 -26.17
CA GLU A 31 0.08 -10.78 -27.39
C GLU A 31 -0.76 -9.49 -27.40
N LEU A 32 -1.97 -9.52 -26.85
CA LEU A 32 -2.91 -8.36 -26.83
C LEU A 32 -2.24 -7.14 -26.18
N HIS A 33 -1.26 -7.32 -25.29
CA HIS A 33 -0.47 -6.18 -24.73
C HIS A 33 0.99 -6.57 -24.46
N ASP A 34 1.58 -7.39 -25.35
CA ASP A 34 3.02 -7.76 -25.34
C ASP A 34 3.49 -8.01 -23.90
N VAL A 35 3.11 -9.15 -23.34
CA VAL A 35 3.58 -9.60 -21.99
C VAL A 35 3.95 -11.08 -22.08
N SER A 36 4.86 -11.51 -21.22
CA SER A 36 5.29 -12.93 -21.04
C SER A 36 4.07 -13.84 -21.00
N PRO A 37 3.75 -14.58 -22.09
CA PRO A 37 2.55 -15.40 -22.12
C PRO A 37 2.43 -16.34 -20.91
N SER A 38 3.57 -16.88 -20.49
CA SER A 38 3.68 -17.78 -19.32
C SER A 38 3.25 -17.04 -18.06
N TYR A 39 3.75 -15.82 -17.84
CA TYR A 39 3.54 -15.10 -16.55
C TYR A 39 2.13 -14.52 -16.48
N LEU A 40 1.53 -14.13 -17.62
CA LEU A 40 0.10 -13.77 -17.64
C LEU A 40 -0.72 -15.01 -17.24
N ALA A 41 -0.38 -16.18 -17.81
CA ALA A 41 -1.03 -17.48 -17.51
C ALA A 41 -0.92 -17.79 -16.02
N LYS A 42 0.21 -17.44 -15.41
CA LYS A 42 0.43 -17.55 -13.94
C LYS A 42 -0.54 -16.64 -13.20
N GLN A 43 -0.71 -15.40 -13.66
CA GLN A 43 -1.66 -14.41 -13.07
C GLN A 43 -3.07 -14.99 -13.16
N MET A 44 -3.42 -15.60 -14.30
CA MET A 44 -4.74 -16.23 -14.53
C MET A 44 -4.93 -17.38 -13.54
N GLN A 45 -3.87 -18.14 -13.25
CA GLN A 45 -3.89 -19.23 -12.22
C GLN A 45 -4.22 -18.59 -10.86
N ALA A 46 -3.58 -17.46 -10.54
CA ALA A 46 -3.82 -16.71 -9.28
C ALA A 46 -5.27 -16.23 -9.19
N LEU A 47 -5.93 -15.99 -10.33
CA LEU A 47 -7.35 -15.56 -10.38
C LEU A 47 -8.27 -16.79 -10.29
N SER A 48 -7.93 -17.88 -10.98
CA SER A 48 -8.69 -19.16 -10.96
C SER A 48 -8.72 -19.71 -9.53
N ARG A 49 -7.63 -19.57 -8.78
CA ARG A 49 -7.53 -19.96 -7.36
C ARG A 49 -8.57 -19.20 -6.53
N ALA A 50 -8.70 -17.89 -6.77
CA ALA A 50 -9.61 -16.96 -6.04
C ALA A 50 -11.06 -17.11 -6.53
N GLY A 51 -11.32 -17.98 -7.51
CA GLY A 51 -12.67 -18.23 -8.06
C GLY A 51 -13.27 -16.96 -8.63
N LEU A 52 -12.44 -16.08 -9.17
CA LEU A 52 -12.87 -14.80 -9.82
C LEU A 52 -13.24 -15.09 -11.27
N VAL A 53 -12.42 -15.91 -11.95
CA VAL A 53 -12.66 -16.36 -13.35
C VAL A 53 -12.73 -17.88 -13.36
N ARG A 54 -13.33 -18.45 -14.41
CA ARG A 54 -13.40 -19.93 -14.61
C ARG A 54 -12.57 -20.31 -15.84
N SER A 55 -11.82 -21.41 -15.73
CA SER A 55 -10.89 -21.94 -16.77
C SER A 55 -11.48 -23.20 -17.41
N VAL A 56 -12.01 -23.06 -18.62
CA VAL A 56 -12.57 -24.20 -19.42
C VAL A 56 -11.43 -24.82 -20.24
N GLN A 57 -11.38 -26.16 -20.26
CA GLN A 57 -10.33 -26.94 -20.96
C GLN A 57 -10.84 -27.32 -22.35
N GLY A 58 -9.99 -28.01 -23.12
CA GLY A 58 -10.35 -28.55 -24.45
C GLY A 58 -9.90 -27.64 -25.56
N LYS A 59 -10.35 -27.94 -26.78
CA LYS A 59 -10.05 -27.17 -28.02
C LYS A 59 -10.52 -25.73 -27.84
N THR A 60 -11.80 -25.57 -27.52
CA THR A 60 -12.48 -24.26 -27.32
C THR A 60 -12.33 -23.81 -25.87
N GLY A 61 -11.13 -23.99 -25.29
CA GLY A 61 -10.84 -23.62 -23.89
C GLY A 61 -10.30 -22.21 -23.77
N GLY A 62 -10.28 -21.67 -22.54
CA GLY A 62 -9.86 -20.29 -22.26
C GLY A 62 -10.15 -19.88 -20.82
N TYR A 63 -10.49 -18.61 -20.61
CA TYR A 63 -10.95 -18.01 -19.31
C TYR A 63 -12.20 -17.17 -19.55
N VAL A 64 -13.16 -17.24 -18.61
CA VAL A 64 -14.47 -16.53 -18.68
C VAL A 64 -14.80 -15.95 -17.30
N LEU A 65 -15.52 -14.82 -17.28
CA LEU A 65 -16.02 -14.16 -16.05
C LEU A 65 -17.07 -15.06 -15.40
N THR A 66 -17.03 -15.18 -14.07
CA THR A 66 -17.95 -16.04 -13.27
C THR A 66 -19.26 -15.31 -13.02
N ARG A 67 -19.22 -14.17 -12.32
CA ARG A 67 -20.43 -13.40 -11.92
C ARG A 67 -20.53 -12.12 -12.76
N PRO A 68 -21.74 -11.52 -12.85
CA PRO A 68 -21.94 -10.31 -13.66
C PRO A 68 -20.97 -9.16 -13.33
N ALA A 69 -20.66 -8.34 -14.34
CA ALA A 69 -19.57 -7.33 -14.31
C ALA A 69 -19.76 -6.35 -13.15
N VAL A 70 -21.00 -6.10 -12.72
CA VAL A 70 -21.32 -5.09 -11.67
C VAL A 70 -20.85 -5.61 -10.32
N GLU A 71 -20.92 -6.93 -10.09
CA GLU A 71 -20.69 -7.55 -8.76
C GLU A 71 -19.19 -7.77 -8.51
N ILE A 72 -18.34 -7.54 -9.52
CA ILE A 72 -16.86 -7.66 -9.38
C ILE A 72 -16.28 -6.28 -9.06
N THR A 73 -15.81 -6.10 -7.82
CA THR A 73 -15.19 -4.85 -7.32
C THR A 73 -13.67 -4.92 -7.56
N LEU A 74 -13.02 -3.75 -7.52
CA LEU A 74 -11.55 -3.64 -7.62
C LEU A 74 -10.92 -4.39 -6.44
N LEU A 75 -11.44 -4.19 -5.23
CA LEU A 75 -10.91 -4.80 -3.98
C LEU A 75 -10.68 -6.30 -4.18
N ASP A 76 -11.70 -7.00 -4.71
CA ASP A 76 -11.67 -8.48 -4.93
C ASP A 76 -10.43 -8.83 -5.76
N VAL A 77 -10.12 -8.01 -6.77
CA VAL A 77 -8.98 -8.24 -7.70
C VAL A 77 -7.67 -8.01 -6.94
N VAL A 78 -7.53 -6.85 -6.31
CA VAL A 78 -6.28 -6.45 -5.58
C VAL A 78 -5.98 -7.49 -4.52
N GLN A 79 -6.99 -7.95 -3.76
CA GLN A 79 -6.83 -8.93 -2.67
C GLN A 79 -6.41 -10.29 -3.25
N ALA A 80 -6.93 -10.66 -4.43
CA ALA A 80 -6.66 -11.96 -5.10
C ALA A 80 -5.22 -12.02 -5.62
N VAL A 81 -4.75 -10.94 -6.27
CA VAL A 81 -3.50 -10.93 -7.07
C VAL A 81 -2.31 -10.48 -6.19
N ASP A 82 -2.27 -9.21 -5.80
CA ASP A 82 -1.10 -8.55 -5.15
C ASP A 82 -0.71 -9.25 -3.84
N GLY A 83 -1.66 -9.98 -3.23
CA GLY A 83 -1.47 -10.67 -1.96
C GLY A 83 -2.53 -10.21 -0.95
N PRO A 84 -3.30 -11.14 -0.36
CA PRO A 84 -4.42 -10.77 0.50
C PRO A 84 -3.98 -10.12 1.83
N ASP A 85 -2.74 -10.40 2.25
CA ASP A 85 -2.15 -9.92 3.53
C ASP A 85 -2.30 -8.39 3.59
N PRO A 86 -2.66 -7.82 4.75
CA PRO A 86 -2.65 -6.36 4.91
C PRO A 86 -1.23 -5.81 4.74
N ALA A 87 -1.11 -4.54 4.33
CA ALA A 87 0.18 -3.90 3.98
C ALA A 87 1.04 -3.74 5.23
N PHE A 88 0.51 -3.10 6.28
CA PHE A 88 1.26 -2.83 7.52
C PHE A 88 0.96 -3.91 8.57
N VAL A 89 2.02 -4.35 9.24
CA VAL A 89 2.01 -5.43 10.27
C VAL A 89 2.73 -4.94 11.53
N CYS A 90 2.09 -5.10 12.69
CA CYS A 90 2.58 -4.72 14.04
C CYS A 90 3.47 -5.83 14.61
N THR A 91 4.77 -5.57 14.78
CA THR A 91 5.76 -6.53 15.33
C THR A 91 5.66 -6.60 16.86
N GLU A 92 4.74 -5.83 17.46
CA GLU A 92 4.49 -5.80 18.92
C GLU A 92 5.81 -5.53 19.66
N ILE A 93 6.37 -4.33 19.49
CA ILE A 93 7.63 -3.90 20.16
C ILE A 93 7.30 -3.20 21.48
N ARG A 94 6.01 -2.96 21.77
CA ARG A 94 5.54 -2.39 23.06
C ARG A 94 5.75 -3.40 24.19
N GLN A 95 5.85 -4.70 23.84
CA GLN A 95 6.07 -5.81 24.81
C GLN A 95 7.54 -6.25 24.81
N ARG A 96 8.43 -5.48 24.18
CA ARG A 96 9.89 -5.76 24.12
C ARG A 96 10.65 -4.63 24.83
N GLY A 97 11.86 -4.95 25.31
CA GLY A 97 12.77 -3.98 25.94
C GLY A 97 12.53 -3.87 27.43
N PRO A 98 13.23 -2.93 28.12
CA PRO A 98 13.11 -2.79 29.57
C PRO A 98 11.72 -2.33 30.02
N LEU A 99 11.10 -1.38 29.30
CA LEU A 99 9.76 -0.84 29.63
C LEU A 99 8.71 -1.53 28.75
N ALA A 100 8.64 -2.86 28.84
CA ALA A 100 7.59 -3.67 28.18
C ALA A 100 6.27 -3.46 28.93
N THR A 101 5.26 -2.92 28.25
CA THR A 101 3.88 -2.76 28.79
C THR A 101 3.37 -4.14 29.20
N PRO A 102 2.85 -4.31 30.44
CA PRO A 102 2.36 -5.62 30.88
C PRO A 102 1.14 -6.07 30.08
N PRO A 103 0.80 -7.38 30.07
CA PRO A 103 -0.42 -7.85 29.39
C PRO A 103 -1.76 -7.38 30.00
N GLU A 104 -1.72 -6.50 31.01
CA GLU A 104 -2.92 -5.96 31.71
C GLU A 104 -3.31 -4.58 31.15
N LYS A 105 -2.32 -3.74 30.78
CA LYS A 105 -2.54 -2.37 30.25
C LYS A 105 -2.67 -2.38 28.71
N CYS A 106 -2.44 -3.53 28.07
CA CYS A 106 -2.52 -3.70 26.59
C CYS A 106 -3.85 -4.36 26.21
N THR A 107 -4.97 -3.79 26.68
CA THR A 107 -6.34 -4.24 26.33
C THR A 107 -6.70 -3.75 24.93
N LYS A 108 -6.24 -2.56 24.56
CA LYS A 108 -6.46 -1.96 23.21
C LYS A 108 -5.21 -2.16 22.36
N ALA A 109 -5.35 -2.01 21.04
CA ALA A 109 -4.27 -2.09 20.04
C ALA A 109 -3.48 -0.78 20.06
N CYS A 110 -2.16 -0.85 19.86
CA CYS A 110 -1.24 0.33 19.89
C CYS A 110 -1.70 1.36 18.87
N PRO A 111 -1.95 2.62 19.30
CA PRO A 111 -2.66 3.59 18.47
C PRO A 111 -2.05 3.77 17.07
N ILE A 112 -0.73 3.57 16.96
CA ILE A 112 0.00 3.64 15.66
C ILE A 112 -0.58 2.57 14.73
N ALA A 113 -0.52 1.31 15.15
CA ALA A 113 -1.10 0.16 14.42
C ALA A 113 -2.55 0.50 14.03
N ARG A 114 -3.36 0.93 15.01
CA ARG A 114 -4.81 1.23 14.84
C ARG A 114 -5.00 2.25 13.71
N ALA A 115 -4.31 3.39 13.80
CA ALA A 115 -4.38 4.48 12.80
C ALA A 115 -4.04 3.93 11.42
N MET A 116 -2.91 3.22 11.31
CA MET A 116 -2.40 2.68 10.03
C MET A 116 -3.41 1.68 9.45
N GLY A 117 -3.93 0.79 10.29
CA GLY A 117 -4.98 -0.19 9.92
C GLY A 117 -6.22 0.51 9.38
N ALA A 118 -6.70 1.53 10.10
CA ALA A 118 -7.88 2.35 9.72
C ALA A 118 -7.62 3.03 8.37
N ALA A 119 -6.39 3.51 8.14
CA ALA A 119 -5.98 4.14 6.87
C ALA A 119 -6.07 3.12 5.75
N GLU A 120 -5.46 1.94 5.95
CA GLU A 120 -5.50 0.81 4.99
C GLU A 120 -6.96 0.44 4.70
N ALA A 121 -7.80 0.38 5.72
CA ALA A 121 -9.25 0.05 5.61
C ALA A 121 -9.94 1.10 4.73
N ALA A 122 -9.66 2.39 4.95
CA ALA A 122 -10.24 3.51 4.16
C ALA A 122 -9.75 3.40 2.71
N TRP A 123 -8.50 3.00 2.52
CA TRP A 123 -7.92 2.71 1.17
C TRP A 123 -8.79 1.67 0.48
N ARG A 124 -8.83 0.45 1.02
CA ARG A 124 -9.47 -0.73 0.38
C ARG A 124 -10.98 -0.51 0.23
N ALA A 125 -11.60 0.28 1.11
CA ALA A 125 -13.04 0.61 1.05
C ALA A 125 -13.31 1.54 -0.14
N SER A 126 -12.56 2.65 -0.23
CA SER A 126 -12.63 3.62 -1.36
C SER A 126 -12.29 2.94 -2.69
N LEU A 127 -11.49 1.87 -2.64
CA LEU A 127 -11.16 1.03 -3.81
C LEU A 127 -12.35 0.13 -4.17
N ALA A 128 -12.97 -0.49 -3.16
CA ALA A 128 -14.08 -1.45 -3.33
C ALA A 128 -15.34 -0.75 -3.85
N ALA A 129 -15.53 0.52 -3.51
CA ALA A 129 -16.71 1.33 -3.90
C ALA A 129 -16.86 1.32 -5.41
N THR A 130 -15.75 1.52 -6.14
CA THR A 130 -15.69 1.47 -7.62
C THR A 130 -15.57 0.01 -8.07
N THR A 131 -16.32 -0.35 -9.11
CA THR A 131 -16.39 -1.72 -9.69
C THR A 131 -15.83 -1.68 -11.11
N ILE A 132 -15.85 -2.81 -11.80
CA ILE A 132 -15.37 -2.94 -13.19
C ILE A 132 -16.43 -2.36 -14.14
N ALA A 133 -17.71 -2.47 -13.78
CA ALA A 133 -18.84 -1.95 -14.60
C ALA A 133 -18.74 -0.43 -14.72
N ASP A 134 -18.40 0.26 -13.63
CA ASP A 134 -18.21 1.73 -13.59
C ASP A 134 -17.08 2.12 -14.56
N LEU A 135 -16.00 1.35 -14.60
CA LEU A 135 -14.83 1.60 -15.48
C LEU A 135 -15.24 1.42 -16.94
N VAL A 136 -15.88 0.29 -17.28
CA VAL A 136 -16.30 -0.04 -18.67
C VAL A 136 -17.26 1.04 -19.17
N ALA A 137 -18.09 1.60 -18.28
CA ALA A 137 -19.08 2.66 -18.60
C ALA A 137 -18.36 3.98 -18.91
N THR A 138 -17.29 4.30 -18.17
CA THR A 138 -16.49 5.54 -18.35
C THR A 138 -15.61 5.44 -19.60
N VAL A 139 -15.18 4.22 -19.98
CA VAL A 139 -14.32 4.00 -21.18
C VAL A 139 -15.17 4.05 -22.45
N ASP A 140 -16.43 3.57 -22.39
CA ASP A 140 -17.40 3.67 -23.51
C ASP A 140 -18.02 5.09 -23.54
N ASP A 141 -17.81 5.87 -22.47
CA ASP A 141 -18.17 7.31 -22.41
C ASP A 141 -17.07 8.15 -23.07
N GLU A 142 -15.80 7.77 -22.90
CA GLU A 142 -14.61 8.57 -23.32
C GLU A 142 -14.03 8.05 -24.64
N SER A 143 -13.65 6.77 -24.72
CA SER A 143 -12.92 6.16 -25.86
C SER A 143 -13.89 5.56 -26.89
N GLY A 144 -15.16 5.97 -26.88
CA GLY A 144 -16.19 5.53 -27.85
C GLY A 144 -16.76 4.17 -27.47
N PRO A 145 -18.08 3.96 -27.67
CA PRO A 145 -18.73 2.70 -27.31
C PRO A 145 -18.45 1.53 -28.28
N ASP A 146 -17.71 1.77 -29.37
CA ASP A 146 -17.42 0.77 -30.42
C ASP A 146 -15.97 0.26 -30.32
N ALA A 147 -15.12 0.91 -29.53
CA ALA A 147 -13.72 0.48 -29.34
C ALA A 147 -13.69 -0.87 -28.60
N LEU A 148 -14.32 -0.95 -27.43
CA LEU A 148 -14.23 -2.13 -26.52
C LEU A 148 -14.91 -3.35 -27.16
N PRO A 149 -16.16 -3.24 -27.70
CA PRO A 149 -16.69 -4.34 -28.51
C PRO A 149 -15.80 -4.72 -29.69
N GLY A 150 -15.12 -3.74 -30.29
CA GLY A 150 -14.17 -3.95 -31.40
C GLY A 150 -12.98 -4.80 -30.98
N VAL A 151 -12.49 -4.60 -29.75
CA VAL A 151 -11.37 -5.40 -29.16
C VAL A 151 -11.90 -6.79 -28.84
N GLY A 152 -13.09 -6.88 -28.24
CA GLY A 152 -13.79 -8.15 -27.96
C GLY A 152 -13.95 -9.00 -29.20
N ALA A 153 -14.13 -8.37 -30.37
CA ALA A 153 -14.29 -9.03 -31.69
C ALA A 153 -12.92 -9.51 -32.21
N TRP A 154 -11.85 -8.74 -31.97
CA TRP A 154 -10.47 -9.13 -32.39
C TRP A 154 -9.98 -10.35 -31.61
N LEU A 155 -10.36 -10.45 -30.34
CA LEU A 155 -9.89 -11.53 -29.43
C LEU A 155 -10.41 -12.89 -29.91
N ILE A 156 -11.64 -12.94 -30.45
CA ILE A 156 -12.33 -14.20 -30.82
C ILE A 156 -12.03 -14.59 -32.28
N GLU A 157 -11.18 -13.82 -32.99
CA GLU A 157 -10.84 -14.07 -34.41
C GLU A 157 -10.13 -15.42 -34.56
N GLY A 158 -10.82 -16.41 -35.14
CA GLY A 158 -10.25 -17.72 -35.50
C GLY A 158 -9.95 -18.58 -34.28
N LEU A 159 -10.99 -19.02 -33.56
CA LEU A 159 -10.89 -20.04 -32.48
C LEU A 159 -11.26 -21.41 -33.06
N GLY A 160 -10.29 -22.05 -33.72
CA GLY A 160 -10.41 -23.41 -34.29
C GLY A 160 -10.73 -23.38 -35.78
N LYS B 2 2.79 -5.44 0.26
CA LYS B 2 3.58 -5.50 1.52
C LYS B 2 4.33 -4.18 1.72
N LEU B 3 4.46 -3.75 2.98
CA LEU B 3 5.20 -2.53 3.40
C LEU B 3 6.45 -2.94 4.18
N SER B 4 7.49 -2.11 4.14
CA SER B 4 8.75 -2.28 4.90
C SER B 4 8.41 -2.44 6.39
N GLY B 5 8.98 -3.46 7.04
CA GLY B 5 8.83 -3.70 8.49
C GLY B 5 9.37 -2.53 9.29
N GLY B 6 10.53 -1.99 8.87
CA GLY B 6 11.28 -0.92 9.57
C GLY B 6 10.45 0.35 9.77
N VAL B 7 9.31 0.48 9.10
CA VAL B 7 8.38 1.65 9.24
C VAL B 7 7.89 1.72 10.68
N GLU B 8 7.40 0.61 11.23
CA GLU B 8 6.93 0.52 12.64
C GLU B 8 8.05 1.04 13.56
N TRP B 9 9.29 0.57 13.34
CA TRP B 9 10.48 0.89 14.17
C TRP B 9 10.68 2.41 14.25
N ALA B 10 10.58 3.10 13.12
CA ALA B 10 10.72 4.57 13.04
C ALA B 10 9.52 5.25 13.71
N LEU B 11 8.31 4.72 13.50
CA LEU B 11 7.06 5.40 13.91
C LEU B 11 6.86 5.30 15.43
N HIS B 12 7.31 4.22 16.06
CA HIS B 12 7.26 4.07 17.54
C HIS B 12 8.22 5.05 18.21
N CYS B 13 9.19 5.60 17.46
CA CYS B 13 10.18 6.58 17.98
C CYS B 13 9.63 8.01 17.93
N CYS B 14 8.65 8.27 17.06
CA CYS B 14 7.98 9.59 16.92
C CYS B 14 7.40 10.02 18.28
N VAL B 15 6.87 9.07 19.04
CA VAL B 15 6.25 9.32 20.37
C VAL B 15 7.35 9.68 21.38
N VAL B 16 8.45 8.94 21.40
CA VAL B 16 9.49 9.03 22.48
C VAL B 16 10.20 10.39 22.40
N LEU B 17 10.39 10.92 21.19
CA LEU B 17 11.06 12.23 20.97
C LEU B 17 10.26 13.35 21.64
N THR B 18 8.94 13.19 21.76
CA THR B 18 8.04 14.14 22.48
C THR B 18 8.51 14.27 23.93
N ALA B 19 8.96 13.16 24.54
CA ALA B 19 9.35 13.08 25.96
C ALA B 19 10.87 13.22 26.13
N ALA B 20 11.63 13.38 25.04
CA ALA B 20 13.10 13.53 25.07
C ALA B 20 13.46 15.01 24.89
N SER B 21 13.81 15.69 25.98
CA SER B 21 14.21 17.11 25.99
C SER B 21 15.66 17.24 25.50
N ARG B 22 16.47 16.20 25.71
CA ARG B 22 17.92 16.18 25.36
C ARG B 22 18.15 15.31 24.13
N PRO B 23 19.34 15.40 23.47
CA PRO B 23 19.70 14.50 22.38
C PRO B 23 19.78 13.03 22.82
N VAL B 24 19.12 12.16 22.05
CA VAL B 24 19.04 10.69 22.33
C VAL B 24 19.55 9.93 21.11
N PRO B 25 20.63 9.13 21.25
CA PRO B 25 21.20 8.38 20.12
C PRO B 25 20.54 7.02 19.86
N ALA B 26 20.58 6.57 18.61
CA ALA B 26 19.89 5.36 18.09
C ALA B 26 20.06 4.17 19.04
N ALA B 27 21.31 3.90 19.44
CA ALA B 27 21.69 2.73 20.27
C ALA B 27 20.76 2.60 21.48
N ARG B 28 20.48 3.71 22.18
CA ARG B 28 19.63 3.69 23.39
C ARG B 28 18.23 3.20 23.02
N LEU B 29 17.65 3.75 21.94
CA LEU B 29 16.31 3.35 21.42
C LEU B 29 16.37 1.89 20.96
N ALA B 30 17.49 1.47 20.37
CA ALA B 30 17.71 0.08 19.90
C ALA B 30 17.48 -0.89 21.06
N GLU B 31 18.02 -0.62 22.25
CA GLU B 31 17.77 -1.45 23.45
C GLU B 31 16.36 -1.18 23.97
N LEU B 32 15.83 0.04 23.77
CA LEU B 32 14.49 0.45 24.25
C LEU B 32 13.38 -0.44 23.66
N HIS B 33 13.62 -1.13 22.55
CA HIS B 33 12.66 -2.15 22.02
C HIS B 33 13.39 -3.34 21.35
N ASP B 34 14.58 -3.70 21.84
CA ASP B 34 15.40 -4.85 21.38
C ASP B 34 15.26 -5.00 19.86
N VAL B 35 15.94 -4.12 19.13
CA VAL B 35 15.98 -4.12 17.63
C VAL B 35 17.43 -3.90 17.21
N SER B 36 17.77 -4.33 16.00
CA SER B 36 19.09 -4.12 15.34
C SER B 36 19.53 -2.68 15.52
N PRO B 37 20.51 -2.39 16.42
CA PRO B 37 20.99 -1.01 16.61
C PRO B 37 21.47 -0.38 15.31
N SER B 38 22.13 -1.18 14.48
CA SER B 38 22.63 -0.76 13.14
C SER B 38 21.43 -0.46 12.22
N TYR B 39 20.47 -1.38 12.11
CA TYR B 39 19.37 -1.27 11.12
C TYR B 39 18.36 -0.19 11.54
N LEU B 40 18.10 -0.05 12.85
CA LEU B 40 17.30 1.10 13.35
C LEU B 40 18.03 2.39 12.97
N ALA B 41 19.35 2.45 13.19
CA ALA B 41 20.21 3.61 12.86
C ALA B 41 20.10 3.95 11.37
N LYS B 42 20.09 2.94 10.51
CA LYS B 42 19.90 3.12 9.04
C LYS B 42 18.56 3.83 8.80
N GLN B 43 17.48 3.32 9.41
CA GLN B 43 16.11 3.89 9.29
C GLN B 43 16.10 5.32 9.83
N MET B 44 16.83 5.57 10.92
CA MET B 44 16.97 6.91 11.54
C MET B 44 17.64 7.87 10.56
N GLN B 45 18.69 7.41 9.86
CA GLN B 45 19.41 8.19 8.84
C GLN B 45 18.47 8.48 7.67
N ALA B 46 17.72 7.48 7.21
CA ALA B 46 16.71 7.61 6.14
C ALA B 46 15.69 8.69 6.52
N LEU B 47 15.33 8.78 7.80
CA LEU B 47 14.36 9.77 8.30
C LEU B 47 15.03 11.15 8.44
N SER B 48 16.29 11.19 8.88
CA SER B 48 17.07 12.44 9.06
C SER B 48 17.25 13.15 7.72
N ARG B 49 17.39 12.38 6.63
CA ARG B 49 17.54 12.90 5.24
C ARG B 49 16.29 13.70 4.85
N ALA B 50 15.11 13.26 5.30
CA ALA B 50 13.82 13.92 5.06
C ALA B 50 13.72 15.22 5.88
N GLY B 51 14.67 15.46 6.79
CA GLY B 51 14.72 16.68 7.60
C GLY B 51 13.57 16.76 8.59
N LEU B 52 13.20 15.62 9.19
CA LEU B 52 12.16 15.58 10.26
C LEU B 52 12.84 15.84 11.60
N VAL B 53 13.94 15.14 11.86
CA VAL B 53 14.73 15.24 13.12
C VAL B 53 16.14 15.70 12.76
N ARG B 54 16.87 16.21 13.78
CA ARG B 54 18.28 16.60 13.65
C ARG B 54 19.15 15.54 14.33
N SER B 55 20.21 15.12 13.65
CA SER B 55 21.25 14.18 14.14
C SER B 55 22.52 14.96 14.47
N VAL B 56 22.80 15.14 15.76
CA VAL B 56 24.02 15.86 16.25
C VAL B 56 25.03 14.81 16.73
N GLN B 57 26.28 14.96 16.31
CA GLN B 57 27.39 14.03 16.66
C GLN B 57 28.05 14.50 17.95
N GLY B 58 29.13 13.84 18.37
CA GLY B 58 29.87 14.16 19.59
C GLY B 58 29.44 13.26 20.74
N LYS B 59 29.87 13.58 21.96
CA LYS B 59 29.67 12.71 23.14
C LYS B 59 28.19 12.75 23.57
N THR B 60 27.62 13.93 23.77
CA THR B 60 26.21 14.13 24.21
C THR B 60 25.32 14.35 22.98
N GLY B 61 25.67 13.73 21.85
CA GLY B 61 24.89 13.80 20.61
C GLY B 61 23.68 12.89 20.64
N GLY B 62 22.96 12.81 19.53
CA GLY B 62 21.75 11.98 19.37
C GLY B 62 20.80 12.55 18.34
N TYR B 63 19.53 12.17 18.43
CA TYR B 63 18.43 12.64 17.54
C TYR B 63 17.42 13.43 18.38
N VAL B 64 17.00 14.59 17.89
CA VAL B 64 15.97 15.45 18.55
C VAL B 64 14.97 15.91 17.49
N LEU B 65 13.75 16.24 17.93
CA LEU B 65 12.69 16.84 17.07
C LEU B 65 13.03 18.31 16.81
N THR B 66 13.15 18.68 15.54
CA THR B 66 13.48 20.05 15.07
C THR B 66 12.22 20.91 15.16
N ARG B 67 11.13 20.44 14.57
CA ARG B 67 9.85 21.17 14.45
C ARG B 67 8.80 20.54 15.36
N PRO B 68 7.77 21.31 15.76
CA PRO B 68 6.75 20.83 16.70
C PRO B 68 6.14 19.50 16.24
N ALA B 69 5.66 18.72 17.21
CA ALA B 69 5.11 17.35 16.99
C ALA B 69 3.81 17.41 16.19
N VAL B 70 3.05 18.50 16.31
CA VAL B 70 1.69 18.64 15.71
C VAL B 70 1.79 18.68 14.17
N GLU B 71 2.85 19.27 13.61
CA GLU B 71 2.99 19.51 12.15
C GLU B 71 3.61 18.30 11.46
N ILE B 72 3.93 17.23 12.19
CA ILE B 72 4.45 15.94 11.65
C ILE B 72 3.30 14.94 11.59
N THR B 73 2.76 14.70 10.40
CA THR B 73 1.71 13.69 10.15
C THR B 73 2.39 12.34 9.94
N LEU B 74 1.61 11.26 10.02
CA LEU B 74 2.09 9.88 9.76
C LEU B 74 2.49 9.75 8.29
N LEU B 75 1.73 10.40 7.39
CA LEU B 75 2.00 10.41 5.93
C LEU B 75 3.46 10.80 5.67
N ASP B 76 3.94 11.87 6.31
CA ASP B 76 5.33 12.39 6.15
C ASP B 76 6.31 11.27 6.52
N VAL B 77 6.04 10.51 7.58
CA VAL B 77 6.97 9.48 8.11
C VAL B 77 7.01 8.31 7.13
N VAL B 78 5.85 7.73 6.81
CA VAL B 78 5.76 6.53 5.92
C VAL B 78 6.43 6.84 4.57
N GLN B 79 6.16 8.02 3.99
CA GLN B 79 6.69 8.41 2.65
C GLN B 79 8.21 8.60 2.75
N ALA B 80 8.69 9.12 3.89
CA ALA B 80 10.14 9.32 4.14
C ALA B 80 10.84 7.97 4.14
N VAL B 81 10.32 6.99 4.89
CA VAL B 81 11.02 5.71 5.17
C VAL B 81 10.90 4.77 3.97
N ASP B 82 9.71 4.23 3.71
CA ASP B 82 9.49 3.17 2.69
C ASP B 82 9.87 3.72 1.30
N GLY B 83 9.69 5.02 1.09
CA GLY B 83 9.93 5.69 -0.21
C GLY B 83 8.68 6.42 -0.67
N PRO B 84 8.82 7.68 -1.13
CA PRO B 84 7.65 8.50 -1.49
C PRO B 84 6.96 8.04 -2.78
N ASP B 85 7.66 7.24 -3.59
CA ASP B 85 7.12 6.70 -4.86
C ASP B 85 5.88 5.86 -4.54
N PRO B 86 4.80 5.98 -5.35
CA PRO B 86 3.57 5.22 -5.10
C PRO B 86 3.79 3.70 -5.15
N ALA B 87 2.87 2.94 -4.55
CA ALA B 87 2.92 1.46 -4.48
C ALA B 87 2.54 0.87 -5.84
N PHE B 88 1.46 1.36 -6.44
CA PHE B 88 0.97 0.93 -7.76
C PHE B 88 1.54 1.86 -8.83
N VAL B 89 1.91 1.28 -9.98
CA VAL B 89 2.57 1.99 -11.11
C VAL B 89 1.95 1.53 -12.43
N CYS B 90 1.41 2.49 -13.18
CA CYS B 90 0.88 2.31 -14.56
C CYS B 90 2.06 2.35 -15.54
N THR B 91 2.31 1.27 -16.28
CA THR B 91 3.38 1.19 -17.30
C THR B 91 2.84 1.63 -18.67
N GLU B 92 1.57 2.03 -18.76
CA GLU B 92 0.86 2.41 -20.01
C GLU B 92 0.95 1.27 -21.02
N ILE B 93 0.22 0.18 -20.77
CA ILE B 93 0.17 -1.02 -21.64
C ILE B 93 -0.89 -0.83 -22.74
N ARG B 94 -1.68 0.25 -22.66
CA ARG B 94 -2.74 0.55 -23.66
C ARG B 94 -2.12 1.03 -24.98
N GLN B 95 -0.84 1.40 -25.00
CA GLN B 95 -0.13 1.86 -26.22
C GLN B 95 0.88 0.81 -26.72
N ARG B 96 0.83 -0.42 -26.21
CA ARG B 96 1.70 -1.54 -26.66
C ARG B 96 0.85 -2.65 -27.28
N GLY B 97 1.46 -3.47 -28.14
CA GLY B 97 0.83 -4.63 -28.78
C GLY B 97 0.15 -4.24 -30.10
N PRO B 98 -0.53 -5.21 -30.75
CA PRO B 98 -1.23 -4.94 -32.01
C PRO B 98 -2.39 -3.94 -31.88
N LEU B 99 -3.21 -4.07 -30.83
CA LEU B 99 -4.37 -3.18 -30.56
C LEU B 99 -3.95 -2.10 -29.56
N ALA B 100 -2.89 -1.36 -29.88
CA ALA B 100 -2.38 -0.23 -29.08
C ALA B 100 -3.31 0.97 -29.27
N THR B 101 -3.93 1.45 -28.19
CA THR B 101 -4.71 2.72 -28.18
C THR B 101 -3.82 3.81 -28.76
N PRO B 102 -4.25 4.53 -29.81
CA PRO B 102 -3.38 5.50 -30.48
C PRO B 102 -2.95 6.62 -29.53
N PRO B 103 -1.87 7.37 -29.86
CA PRO B 103 -1.47 8.53 -29.06
C PRO B 103 -2.41 9.74 -29.15
N GLU B 104 -3.56 9.58 -29.82
CA GLU B 104 -4.61 10.62 -29.98
C GLU B 104 -5.72 10.45 -28.93
N LYS B 105 -6.04 9.21 -28.54
CA LYS B 105 -7.05 8.88 -27.50
C LYS B 105 -6.42 8.90 -26.09
N CYS B 106 -5.14 9.30 -26.00
CA CYS B 106 -4.34 9.33 -24.75
C CYS B 106 -4.21 10.77 -24.25
N THR B 107 -5.34 11.49 -24.11
CA THR B 107 -5.41 12.86 -23.55
C THR B 107 -5.49 12.79 -22.02
N LYS B 108 -6.29 11.85 -21.49
CA LYS B 108 -6.51 11.66 -20.03
C LYS B 108 -5.78 10.39 -19.55
N ALA B 109 -5.61 10.28 -18.23
CA ALA B 109 -5.02 9.11 -17.55
C ALA B 109 -6.05 7.99 -17.47
N CYS B 110 -5.67 6.78 -17.89
CA CYS B 110 -6.46 5.53 -17.87
C CYS B 110 -7.35 5.49 -16.62
N PRO B 111 -8.68 5.27 -16.75
CA PRO B 111 -9.58 5.26 -15.60
C PRO B 111 -9.19 4.31 -14.46
N ILE B 112 -8.42 3.27 -14.76
CA ILE B 112 -7.88 2.33 -13.73
C ILE B 112 -6.97 3.13 -12.79
N ALA B 113 -5.94 3.77 -13.36
CA ALA B 113 -5.04 4.71 -12.64
C ALA B 113 -5.90 5.64 -11.78
N ARG B 114 -6.94 6.24 -12.38
CA ARG B 114 -7.88 7.17 -11.70
C ARG B 114 -8.38 6.54 -10.39
N ALA B 115 -9.05 5.39 -10.48
CA ALA B 115 -9.62 4.67 -9.32
C ALA B 115 -8.53 4.40 -8.29
N MET B 116 -7.36 3.91 -8.74
CA MET B 116 -6.22 3.52 -7.86
C MET B 116 -5.67 4.76 -7.16
N GLY B 117 -5.54 5.86 -7.90
CA GLY B 117 -5.23 7.18 -7.33
C GLY B 117 -6.19 7.53 -6.21
N ALA B 118 -7.48 7.63 -6.52
CA ALA B 118 -8.57 8.02 -5.59
C ALA B 118 -8.46 7.21 -4.30
N ALA B 119 -8.23 5.89 -4.41
CA ALA B 119 -8.07 4.98 -3.26
C ALA B 119 -6.84 5.39 -2.45
N GLU B 120 -5.67 5.47 -3.10
CA GLU B 120 -4.39 5.83 -2.43
C GLU B 120 -4.52 7.22 -1.80
N ALA B 121 -5.20 8.16 -2.47
CA ALA B 121 -5.43 9.55 -2.00
C ALA B 121 -6.18 9.51 -0.67
N ALA B 122 -7.25 8.70 -0.59
CA ALA B 122 -8.05 8.49 0.63
C ALA B 122 -7.15 7.89 1.71
N TRP B 123 -6.29 6.94 1.33
CA TRP B 123 -5.28 6.33 2.23
C TRP B 123 -4.38 7.43 2.81
N ARG B 124 -3.75 8.22 1.94
CA ARG B 124 -2.81 9.29 2.34
C ARG B 124 -3.56 10.37 3.13
N ALA B 125 -4.84 10.59 2.84
CA ALA B 125 -5.69 11.57 3.57
C ALA B 125 -5.94 11.08 4.99
N SER B 126 -6.21 9.78 5.18
CA SER B 126 -6.40 9.14 6.50
C SER B 126 -5.07 9.12 7.28
N LEU B 127 -3.94 9.22 6.58
CA LEU B 127 -2.58 9.34 7.20
C LEU B 127 -2.34 10.79 7.66
N ALA B 128 -2.69 11.78 6.83
CA ALA B 128 -2.40 13.22 7.05
C ALA B 128 -3.31 13.80 8.14
N ALA B 129 -4.52 13.26 8.31
CA ALA B 129 -5.52 13.70 9.31
C ALA B 129 -4.97 13.53 10.73
N THR B 130 -4.25 12.43 10.96
CA THR B 130 -3.64 12.07 12.26
C THR B 130 -2.25 12.72 12.38
N THR B 131 -1.98 13.31 13.54
CA THR B 131 -0.70 13.97 13.89
C THR B 131 -0.04 13.21 15.04
N ILE B 132 1.09 13.70 15.53
CA ILE B 132 1.80 13.13 16.71
C ILE B 132 1.04 13.52 17.97
N ALA B 133 0.31 14.65 17.94
CA ALA B 133 -0.48 15.16 19.08
C ALA B 133 -1.59 14.17 19.44
N ASP B 134 -2.21 13.54 18.44
CA ASP B 134 -3.24 12.48 18.63
C ASP B 134 -2.59 11.24 19.25
N LEU B 135 -1.34 10.93 18.86
CA LEU B 135 -0.57 9.76 19.35
C LEU B 135 -0.26 9.94 20.84
N VAL B 136 0.36 11.07 21.21
CA VAL B 136 0.78 11.38 22.60
C VAL B 136 -0.46 11.54 23.49
N ALA B 137 -1.58 12.02 22.93
CA ALA B 137 -2.84 12.21 23.67
C ALA B 137 -3.48 10.86 23.99
N THR B 138 -3.47 9.92 23.04
CA THR B 138 -4.09 8.57 23.21
C THR B 138 -3.23 7.70 24.13
N VAL B 139 -1.90 7.84 24.09
CA VAL B 139 -0.96 7.05 24.95
C VAL B 139 -1.00 7.60 26.38
N ASP B 140 -1.24 8.91 26.55
CA ASP B 140 -1.42 9.55 27.88
C ASP B 140 -2.87 9.36 28.37
N ASP B 141 -3.78 8.98 27.47
CA ASP B 141 -5.20 8.72 27.76
C ASP B 141 -5.38 7.28 28.26
N GLU B 142 -4.65 6.32 27.67
CA GLU B 142 -4.82 4.86 27.89
C GLU B 142 -3.78 4.33 28.87
N SER B 143 -2.49 4.54 28.59
CA SER B 143 -1.35 4.00 29.38
C SER B 143 -0.89 5.02 30.43
N GLY B 144 -1.70 6.04 30.72
CA GLY B 144 -1.45 7.02 31.78
C GLY B 144 -0.59 8.19 31.28
N PRO B 145 -0.84 9.42 31.78
CA PRO B 145 -0.05 10.59 31.37
C PRO B 145 1.36 10.66 31.99
N ASP B 146 1.72 9.67 32.81
CA ASP B 146 3.02 9.59 33.52
C ASP B 146 3.94 8.54 32.87
N ALA B 147 3.44 7.78 31.89
CA ALA B 147 4.22 6.76 31.16
C ALA B 147 5.23 7.47 30.23
N LEU B 148 4.75 8.42 29.42
CA LEU B 148 5.56 9.07 28.36
C LEU B 148 6.70 9.88 28.97
N PRO B 149 6.48 10.81 29.93
CA PRO B 149 7.59 11.45 30.62
C PRO B 149 8.56 10.45 31.27
N GLY B 150 8.03 9.34 31.81
CA GLY B 150 8.81 8.29 32.47
C GLY B 150 9.80 7.62 31.53
N VAL B 151 9.35 7.26 30.32
CA VAL B 151 10.21 6.61 29.30
C VAL B 151 11.20 7.64 28.75
N GLY B 152 10.72 8.88 28.52
CA GLY B 152 11.58 10.01 28.10
C GLY B 152 12.71 10.22 29.09
N ALA B 153 12.44 10.06 30.38
CA ALA B 153 13.44 10.17 31.47
C ALA B 153 14.40 8.98 31.41
N TRP B 154 13.89 7.76 31.18
CA TRP B 154 14.74 6.54 31.08
C TRP B 154 15.74 6.71 29.94
N LEU B 155 15.33 7.32 28.84
CA LEU B 155 16.21 7.57 27.66
C LEU B 155 17.44 8.38 28.10
N ILE B 156 17.25 9.33 29.02
CA ILE B 156 18.30 10.30 29.43
C ILE B 156 19.14 9.71 30.58
N GLU B 157 18.84 8.50 31.05
CA GLU B 157 19.61 7.85 32.15
C GLU B 157 21.05 7.62 31.68
N GLY B 158 21.96 8.47 32.14
CA GLY B 158 23.42 8.35 31.87
C GLY B 158 23.77 8.71 30.44
N LEU B 159 23.51 9.96 30.03
CA LEU B 159 23.96 10.52 28.72
C LEU B 159 25.29 11.26 28.93
N GLY B 160 26.39 10.50 29.00
CA GLY B 160 27.76 11.02 29.17
C GLY B 160 28.74 10.29 28.28
FE1 FES E . 3.32 -2.09 16.56
FE2 FES E . 2.53 -0.10 18.29
S1 FES E . 2.08 -0.27 16.10
S2 FES E . 3.28 -2.14 18.81
FE1 FES F . -1.94 1.31 -17.02
FE2 FES F . -4.61 1.31 -17.73
S1 FES F . -3.73 1.48 -15.69
S2 FES F . -2.83 1.40 -19.08
#